data_9GLW
#
_entry.id   9GLW
#
_cell.length_a   112.22
_cell.length_b   112.22
_cell.length_c   58.584
_cell.angle_alpha   90
_cell.angle_beta   90
_cell.angle_gamma   120
#
_symmetry.space_group_name_H-M   'H 3'
#
loop_
_entity.id
_entity.type
_entity.pdbx_description
1 polymer 'GTPase NRas'
2 polymer 'peptide MPB2'
3 non-polymer 'MAGNESIUM ION'
4 non-polymer "GUANOSINE-5'-TRIPHOSPHATE"
5 water water
#
loop_
_entity_poly.entity_id
_entity_poly.type
_entity_poly.pdbx_seq_one_letter_code
_entity_poly.pdbx_strand_id
1 'polypeptide(L)'
;GPMTEYKLVVVGAGGVGKSALTIQLIQNHFVDEYDPTIEDSYRKQVVIDGETSLLDILDTAGREEYSAMRDQYMRTGEGF
LLVFAINNSKSFADINLYREQIKRVKDSDDVPMVLVGNKSDLPTRTVDTKQAHELAKSYGIPFIETSAKTRQGVEDAFYT
LVREIRQYRMK
;
A
2 'polypeptide(L)' FYRRYGWRYWVSV(CCS)G(NH2) B
#
# COMPACT_ATOMS: atom_id res chain seq x y z
N GLY A 1 19.57 -16.92 -0.10
CA GLY A 1 18.31 -17.43 -0.59
C GLY A 1 18.01 -16.99 -2.02
N PRO A 2 17.02 -17.64 -2.66
CA PRO A 2 16.65 -17.22 -4.02
C PRO A 2 15.85 -15.90 -4.00
N MET A 3 15.69 -15.29 -5.17
CA MET A 3 14.85 -14.10 -5.28
C MET A 3 13.41 -14.59 -5.26
N THR A 4 12.65 -14.24 -4.23
CA THR A 4 11.26 -14.66 -4.13
C THR A 4 10.33 -13.50 -4.51
N GLU A 5 9.11 -13.84 -4.88
CA GLU A 5 8.08 -12.86 -5.16
C GLU A 5 7.38 -12.53 -3.85
N TYR A 6 7.08 -11.26 -3.64
CA TYR A 6 6.35 -10.78 -2.47
C TYR A 6 5.12 -10.12 -3.06
N LYS A 7 3.94 -10.54 -2.62
CA LYS A 7 2.68 -10.03 -3.15
C LYS A 7 2.15 -8.91 -2.27
N LEU A 8 2.47 -7.69 -2.63
CA LEU A 8 2.05 -6.51 -1.89
C LEU A 8 0.74 -5.97 -2.47
N VAL A 9 -0.19 -5.59 -1.59
CA VAL A 9 -1.46 -5.01 -2.00
C VAL A 9 -1.62 -3.66 -1.35
N VAL A 10 -1.90 -2.61 -2.15
CA VAL A 10 -2.06 -1.27 -1.62
C VAL A 10 -3.53 -0.95 -1.55
N VAL A 11 -4.03 -0.70 -0.33
CA VAL A 11 -5.45 -0.46 -0.10
C VAL A 11 -5.70 0.87 0.61
N GLY A 12 -6.93 1.36 0.49
CA GLY A 12 -7.30 2.63 1.08
C GLY A 12 -8.39 3.34 0.30
N ALA A 13 -9.03 4.36 0.89
CA ALA A 13 -10.11 5.10 0.26
C ALA A 13 -9.65 5.83 -1.04
N GLY A 14 -10.59 6.25 -1.88
CA GLY A 14 -10.27 6.92 -3.13
C GLY A 14 -9.52 8.22 -2.92
N GLY A 15 -8.53 8.48 -3.76
CA GLY A 15 -7.74 9.70 -3.72
C GLY A 15 -6.74 9.89 -2.60
N VAL A 16 -6.45 8.85 -1.79
CA VAL A 16 -5.46 8.99 -0.70
C VAL A 16 -4.00 8.98 -1.18
N GLY A 17 -3.75 8.55 -2.40
CA GLY A 17 -2.42 8.51 -2.95
C GLY A 17 -1.81 7.14 -3.07
N LYS A 18 -2.64 6.08 -3.19
CA LYS A 18 -2.12 4.72 -3.37
C LYS A 18 -1.33 4.59 -4.68
N SER A 19 -1.85 5.11 -5.80
CA SER A 19 -1.16 5.05 -7.09
C SER A 19 0.07 5.93 -7.09
N ALA A 20 -0.06 7.15 -6.57
CA ALA A 20 1.07 8.07 -6.50
C ALA A 20 2.25 7.50 -5.69
N LEU A 21 1.96 6.75 -4.61
CA LEU A 21 3.01 6.13 -3.81
C LEU A 21 3.71 5.00 -4.57
N THR A 22 2.93 4.14 -5.21
CA THR A 22 3.47 3.03 -5.98
C THR A 22 4.32 3.52 -7.15
N ILE A 23 3.82 4.52 -7.89
CA ILE A 23 4.53 5.07 -9.05
C ILE A 23 5.84 5.74 -8.63
N GLN A 24 5.83 6.41 -7.48
CA GLN A 24 7.02 7.03 -6.91
C GLN A 24 8.08 5.94 -6.58
N LEU A 25 7.67 4.82 -5.94
CA LEU A 25 8.62 3.74 -5.63
C LEU A 25 9.16 3.08 -6.92
N ILE A 26 8.28 2.79 -7.86
CA ILE A 26 8.64 2.12 -9.10
C ILE A 26 9.58 2.95 -10.00
N GLN A 27 9.26 4.22 -10.27
CA GLN A 27 10.04 5.00 -11.22
C GLN A 27 10.40 6.44 -10.82
N ASN A 28 10.27 6.81 -9.54
CA ASN A 28 10.65 8.14 -9.03
C ASN A 28 9.93 9.29 -9.71
N HIS A 29 8.64 9.12 -10.02
CA HIS A 29 7.87 10.17 -10.68
C HIS A 29 6.60 10.48 -9.85
N PHE A 30 6.26 11.77 -9.70
CA PHE A 30 5.05 12.16 -8.99
C PHE A 30 3.90 12.50 -9.96
N VAL A 31 2.78 11.77 -9.85
CA VAL A 31 1.62 12.02 -10.70
C VAL A 31 0.72 13.09 -10.04
N ASP A 32 0.61 14.27 -10.65
CA ASP A 32 -0.23 15.35 -10.11
C ASP A 32 -1.72 15.14 -10.41
N GLU A 33 -2.01 14.53 -11.55
CA GLU A 33 -3.37 14.25 -11.97
C GLU A 33 -4.00 13.12 -11.14
N TYR A 34 -5.32 13.09 -11.09
CA TYR A 34 -6.03 12.01 -10.41
C TYR A 34 -6.63 11.10 -11.47
N ASP A 35 -6.00 9.93 -11.69
CA ASP A 35 -6.44 8.93 -12.66
C ASP A 35 -7.02 7.78 -11.83
N PRO A 36 -8.34 7.81 -11.55
CA PRO A 36 -8.93 6.79 -10.65
C PRO A 36 -8.66 5.34 -11.09
N THR A 37 -8.22 4.52 -10.14
CA THR A 37 -7.85 3.14 -10.44
C THR A 37 -9.01 2.15 -10.28
N ILE A 38 -9.01 1.08 -11.08
CA ILE A 38 -9.92 -0.04 -10.93
C ILE A 38 -9.00 -1.10 -10.29
N GLU A 39 -7.94 -1.56 -11.00
CA GLU A 39 -7.00 -2.50 -10.43
C GLU A 39 -5.74 -2.61 -11.30
N ASP A 40 -4.62 -2.04 -10.83
CA ASP A 40 -3.37 -2.07 -11.59
C ASP A 40 -2.35 -3.02 -10.95
N SER A 41 -1.43 -3.52 -11.78
CA SER A 41 -0.35 -4.39 -11.34
C SER A 41 1.00 -3.80 -11.71
N TYR A 42 1.97 -3.92 -10.81
CA TYR A 42 3.35 -3.47 -10.99
C TYR A 42 4.28 -4.60 -10.55
N ARG A 43 5.39 -4.78 -11.25
CA ARG A 43 6.36 -5.81 -10.92
C ARG A 43 7.73 -5.17 -10.99
N LYS A 44 8.54 -5.32 -9.95
CA LYS A 44 9.88 -4.74 -9.97
C LYS A 44 10.87 -5.47 -9.11
N GLN A 45 12.05 -5.74 -9.65
CA GLN A 45 13.12 -6.41 -8.91
C GLN A 45 13.91 -5.35 -8.18
N VAL A 46 14.02 -5.46 -6.85
CA VAL A 46 14.70 -4.51 -5.99
C VAL A 46 15.63 -5.27 -5.01
N VAL A 47 16.50 -4.57 -4.28
CA VAL A 47 17.36 -5.20 -3.29
C VAL A 47 16.96 -4.63 -1.93
N ILE A 48 16.55 -5.49 -0.99
CA ILE A 48 16.11 -5.04 0.33
C ILE A 48 16.95 -5.74 1.38
N ASP A 49 17.74 -4.99 2.15
CA ASP A 49 18.64 -5.54 3.17
C ASP A 49 19.65 -6.53 2.55
N GLY A 50 20.11 -6.21 1.34
CA GLY A 50 21.07 -7.01 0.60
C GLY A 50 20.49 -8.23 -0.09
N GLU A 51 19.16 -8.42 -0.06
CA GLU A 51 18.53 -9.58 -0.67
C GLU A 51 17.72 -9.18 -1.90
N THR A 52 18.00 -9.80 -3.06
CA THR A 52 17.23 -9.52 -4.28
C THR A 52 15.81 -10.03 -4.09
N SER A 53 14.85 -9.18 -4.35
CA SER A 53 13.44 -9.49 -4.12
C SER A 53 12.61 -9.03 -5.30
N LEU A 54 11.54 -9.74 -5.60
CA LEU A 54 10.66 -9.39 -6.67
C LEU A 54 9.35 -8.86 -6.10
N LEU A 55 9.10 -7.56 -6.27
CA LEU A 55 7.87 -6.96 -5.74
C LEU A 55 6.76 -7.07 -6.75
N ASP A 56 5.69 -7.76 -6.38
CA ASP A 56 4.50 -7.81 -7.20
C ASP A 56 3.49 -6.92 -6.44
N ILE A 57 3.14 -5.75 -6.99
CA ILE A 57 2.26 -4.80 -6.35
C ILE A 57 0.90 -4.66 -7.03
N LEU A 58 -0.16 -4.85 -6.25
CA LEU A 58 -1.50 -4.65 -6.73
C LEU A 58 -1.97 -3.34 -6.15
N ASP A 59 -2.20 -2.38 -7.02
CA ASP A 59 -2.68 -1.04 -6.70
C ASP A 59 -4.20 -1.10 -6.90
N THR A 60 -4.97 -1.06 -5.81
CA THR A 60 -6.41 -1.28 -5.86
C THR A 60 -7.27 -0.01 -5.95
N ALA A 61 -8.58 -0.19 -6.14
CA ALA A 61 -9.59 0.86 -6.20
C ALA A 61 -10.02 1.27 -4.83
N GLY A 62 -10.04 2.57 -4.61
CA GLY A 62 -10.60 3.12 -3.40
C GLY A 62 -12.07 3.47 -3.59
N ARG A 63 -12.54 3.65 -4.85
CA ARG A 63 -13.93 3.98 -5.14
C ARG A 63 -14.83 2.84 -4.70
N GLU A 64 -15.84 3.17 -3.87
CA GLU A 64 -16.75 2.19 -3.28
C GLU A 64 -17.49 1.29 -4.28
N GLU A 65 -17.75 1.78 -5.49
CA GLU A 65 -18.43 0.96 -6.51
C GLU A 65 -17.60 -0.26 -6.98
N TYR A 66 -16.31 -0.34 -6.60
CA TYR A 66 -15.48 -1.50 -6.94
C TYR A 66 -15.23 -2.44 -5.73
N SER A 67 -15.94 -2.22 -4.61
CA SER A 67 -15.82 -2.98 -3.36
C SER A 67 -15.93 -4.50 -3.49
N ALA A 68 -16.69 -4.98 -4.50
CA ALA A 68 -16.86 -6.42 -4.74
C ALA A 68 -15.57 -7.14 -5.17
N MET A 69 -14.56 -6.39 -5.64
CA MET A 69 -13.29 -6.99 -6.05
C MET A 69 -12.36 -7.32 -4.86
N ARG A 70 -12.65 -6.77 -3.66
CA ARG A 70 -11.82 -6.88 -2.47
C ARG A 70 -11.58 -8.31 -1.97
N ASP A 71 -12.60 -9.16 -1.96
CA ASP A 71 -12.44 -10.52 -1.45
C ASP A 71 -11.41 -11.34 -2.22
N GLN A 72 -11.37 -11.20 -3.55
CA GLN A 72 -10.39 -11.91 -4.36
C GLN A 72 -8.97 -11.43 -4.12
N TYR A 73 -8.74 -10.10 -4.11
CA TYR A 73 -7.38 -9.58 -3.89
C TYR A 73 -6.91 -9.78 -2.45
N MET A 74 -7.83 -9.81 -1.48
CA MET A 74 -7.43 -10.03 -0.10
C MET A 74 -7.04 -11.47 0.15
N ARG A 75 -7.63 -12.42 -0.57
CA ARG A 75 -7.28 -13.83 -0.43
C ARG A 75 -5.90 -14.12 -1.01
N THR A 76 -5.58 -13.54 -2.18
CA THR A 76 -4.34 -13.72 -2.92
C THR A 76 -3.17 -12.87 -2.39
N GLY A 77 -3.48 -11.70 -1.85
CA GLY A 77 -2.46 -10.79 -1.31
C GLY A 77 -1.70 -11.36 -0.14
N GLU A 78 -0.41 -11.04 -0.03
CA GLU A 78 0.42 -11.58 1.03
C GLU A 78 0.71 -10.55 2.15
N GLY A 79 0.85 -9.30 1.75
CA GLY A 79 1.11 -8.19 2.66
C GLY A 79 0.32 -6.97 2.20
N PHE A 80 -0.10 -6.12 3.15
CA PHE A 80 -0.96 -4.99 2.83
C PHE A 80 -0.46 -3.65 3.32
N LEU A 81 -0.45 -2.65 2.42
CA LEU A 81 -0.10 -1.28 2.79
C LEU A 81 -1.46 -0.59 3.00
N LEU A 82 -1.76 -0.17 4.21
CA LEU A 82 -3.04 0.45 4.54
C LEU A 82 -2.84 1.93 4.49
N VAL A 83 -3.28 2.57 3.38
CA VAL A 83 -3.03 3.97 3.15
C VAL A 83 -4.25 4.86 3.45
N PHE A 84 -4.04 5.93 4.19
CA PHE A 84 -5.02 6.99 4.42
C PHE A 84 -4.29 8.31 4.13
N ALA A 85 -5.04 9.40 3.92
CA ALA A 85 -4.43 10.71 3.71
C ALA A 85 -4.56 11.48 5.01
N ILE A 86 -3.46 12.14 5.44
CA ILE A 86 -3.47 12.86 6.72
C ILE A 86 -4.41 14.10 6.73
N ASN A 87 -4.87 14.56 5.58
CA ASN A 87 -5.85 15.65 5.52
C ASN A 87 -7.28 15.09 5.25
N ASN A 88 -7.51 13.78 5.36
CA ASN A 88 -8.82 13.18 5.12
C ASN A 88 -9.13 12.26 6.30
N SER A 89 -9.91 12.75 7.28
CA SER A 89 -10.19 11.96 8.47
C SER A 89 -11.19 10.81 8.20
N LYS A 90 -12.00 10.92 7.13
CA LYS A 90 -12.86 9.81 6.74
C LYS A 90 -12.00 8.64 6.20
N SER A 91 -10.90 8.93 5.46
CA SER A 91 -10.01 7.88 4.97
C SER A 91 -9.34 7.13 6.11
N PHE A 92 -9.07 7.81 7.25
CA PHE A 92 -8.50 7.20 8.45
C PHE A 92 -9.50 6.22 9.08
N ALA A 93 -10.77 6.57 9.11
CA ALA A 93 -11.83 5.70 9.61
C ALA A 93 -12.02 4.50 8.66
N ASP A 94 -11.94 4.74 7.35
CA ASP A 94 -12.09 3.69 6.33
C ASP A 94 -10.93 2.72 6.39
N ILE A 95 -9.72 3.20 6.76
CA ILE A 95 -8.57 2.32 6.79
C ILE A 95 -8.72 1.23 7.86
N ASN A 96 -9.48 1.51 8.94
CA ASN A 96 -9.78 0.53 9.96
C ASN A 96 -10.73 -0.57 9.42
N LEU A 97 -11.67 -0.19 8.54
CA LEU A 97 -12.58 -1.16 7.91
C LEU A 97 -11.81 -2.10 6.96
N TYR A 98 -10.77 -1.59 6.28
CA TYR A 98 -9.95 -2.42 5.39
C TYR A 98 -9.20 -3.44 6.24
N ARG A 99 -8.54 -2.97 7.33
CA ARG A 99 -7.80 -3.80 8.29
C ARG A 99 -8.66 -4.98 8.77
N GLU A 100 -9.91 -4.70 9.16
CA GLU A 100 -10.87 -5.70 9.64
C GLU A 100 -11.29 -6.69 8.55
N GLN A 101 -11.61 -6.20 7.35
CA GLN A 101 -11.99 -7.07 6.23
C GLN A 101 -10.84 -7.98 5.85
N ILE A 102 -9.59 -7.46 5.81
CA ILE A 102 -8.41 -8.29 5.51
C ILE A 102 -8.31 -9.46 6.51
N LYS A 103 -8.46 -9.18 7.81
CA LYS A 103 -8.41 -10.23 8.82
C LYS A 103 -9.53 -11.24 8.71
N ARG A 104 -10.73 -10.81 8.32
CA ARG A 104 -11.85 -11.74 8.13
C ARG A 104 -11.59 -12.69 6.96
N VAL A 105 -11.40 -12.17 5.73
CA VAL A 105 -11.24 -13.05 4.55
C VAL A 105 -9.95 -13.94 4.68
N LYS A 106 -8.87 -13.44 5.31
CA LYS A 106 -7.67 -14.25 5.47
C LYS A 106 -7.69 -15.16 6.72
N ASP A 107 -8.63 -14.91 7.65
CA ASP A 107 -8.82 -15.64 8.90
C ASP A 107 -7.54 -15.70 9.70
N SER A 108 -6.99 -14.54 10.03
CA SER A 108 -5.75 -14.47 10.79
C SER A 108 -5.64 -13.14 11.51
N ASP A 109 -5.19 -13.17 12.76
CA ASP A 109 -5.01 -11.95 13.52
C ASP A 109 -3.69 -11.23 13.18
N ASP A 110 -2.71 -11.92 12.53
CA ASP A 110 -1.43 -11.29 12.26
C ASP A 110 -0.99 -11.26 10.77
N VAL A 111 -1.87 -10.84 9.87
CA VAL A 111 -1.53 -10.66 8.45
C VAL A 111 -0.50 -9.51 8.35
N PRO A 112 0.61 -9.67 7.58
CA PRO A 112 1.58 -8.55 7.46
C PRO A 112 0.91 -7.29 6.90
N MET A 113 1.03 -6.18 7.64
CA MET A 113 0.40 -4.89 7.35
C MET A 113 1.27 -3.71 7.80
N VAL A 114 1.23 -2.60 7.06
CA VAL A 114 1.92 -1.37 7.45
C VAL A 114 0.94 -0.21 7.25
N LEU A 115 0.74 0.59 8.29
CA LEU A 115 -0.15 1.74 8.26
C LEU A 115 0.65 2.87 7.68
N VAL A 116 0.08 3.48 6.65
CA VAL A 116 0.74 4.56 5.95
C VAL A 116 -0.13 5.83 5.97
N GLY A 117 0.41 6.90 6.54
CA GLY A 117 -0.27 8.20 6.55
C GLY A 117 0.32 9.05 5.45
N ASN A 118 -0.34 9.11 4.29
CA ASN A 118 0.18 9.83 3.13
C ASN A 118 -0.21 11.34 3.09
N LYS A 119 0.49 12.12 2.21
CA LYS A 119 0.36 13.56 1.97
C LYS A 119 0.93 14.37 3.13
N SER A 120 2.07 13.93 3.69
CA SER A 120 2.74 14.61 4.80
C SER A 120 3.36 15.96 4.41
N ASP A 121 3.45 16.24 3.10
CA ASP A 121 3.96 17.53 2.58
C ASP A 121 2.94 18.66 2.79
N LEU A 122 1.65 18.35 2.95
CA LEU A 122 0.62 19.39 3.07
C LEU A 122 0.78 20.20 4.36
N PRO A 123 0.56 21.53 4.27
CA PRO A 123 0.80 22.40 5.42
C PRO A 123 -0.10 22.16 6.63
N THR A 124 -1.28 21.59 6.39
CA THR A 124 -2.23 21.30 7.44
C THR A 124 -2.74 19.86 7.36
N ARG A 125 -3.19 19.33 8.48
CA ARG A 125 -3.69 17.97 8.56
C ARG A 125 -4.96 17.90 9.43
N THR A 126 -5.76 16.86 9.24
CA THR A 126 -6.97 16.65 10.05
C THR A 126 -6.91 15.37 10.88
N VAL A 127 -5.86 14.55 10.69
CA VAL A 127 -5.56 13.34 11.43
C VAL A 127 -4.17 13.56 12.04
N ASP A 128 -4.11 13.77 13.36
CA ASP A 128 -2.80 13.97 14.00
C ASP A 128 -2.02 12.67 14.06
N THR A 129 -0.69 12.77 14.03
CA THR A 129 0.26 11.67 14.08
C THR A 129 0.00 10.77 15.30
N LYS A 130 -0.40 11.38 16.44
CA LYS A 130 -0.67 10.61 17.66
C LYS A 130 -1.86 9.67 17.48
N GLN A 131 -2.93 10.13 16.79
CA GLN A 131 -4.11 9.30 16.48
C GLN A 131 -3.71 8.05 15.70
N ALA A 132 -2.94 8.22 14.61
CA ALA A 132 -2.51 7.11 13.76
C ALA A 132 -1.54 6.19 14.48
N HIS A 133 -0.58 6.76 15.22
CA HIS A 133 0.37 5.93 15.97
C HIS A 133 -0.36 5.10 17.02
N GLU A 134 -1.40 5.68 17.66
CA GLU A 134 -2.24 5.01 18.66
C GLU A 134 -2.97 3.81 18.04
N LEU A 135 -3.51 3.99 16.81
CA LEU A 135 -4.22 2.93 16.11
C LEU A 135 -3.26 1.77 15.72
N ALA A 136 -2.10 2.08 15.09
CA ALA A 136 -1.14 1.05 14.72
C ALA A 136 -0.56 0.36 15.96
N LYS A 137 -0.35 1.13 17.04
CA LYS A 137 0.19 0.59 18.30
C LYS A 137 -0.75 -0.47 18.87
N SER A 138 -2.09 -0.22 18.83
CA SER A 138 -3.04 -1.21 19.34
C SER A 138 -3.08 -2.50 18.53
N TYR A 139 -2.71 -2.45 17.25
CA TYR A 139 -2.70 -3.65 16.42
C TYR A 139 -1.31 -4.26 16.20
N GLY A 140 -0.26 -3.66 16.76
CA GLY A 140 1.08 -4.19 16.65
C GLY A 140 1.62 -4.19 15.23
N ILE A 141 1.32 -3.13 14.47
CA ILE A 141 1.81 -3.00 13.09
C ILE A 141 2.59 -1.68 12.97
N PRO A 142 3.56 -1.61 12.04
CA PRO A 142 4.30 -0.36 11.88
C PRO A 142 3.44 0.76 11.28
N PHE A 143 3.85 2.00 11.59
CA PHE A 143 3.20 3.21 11.08
C PHE A 143 4.28 4.12 10.51
N ILE A 144 4.09 4.50 9.24
CA ILE A 144 5.03 5.37 8.53
C ILE A 144 4.29 6.52 7.86
N GLU A 145 4.74 7.77 8.08
CA GLU A 145 4.14 8.92 7.42
C GLU A 145 4.87 9.09 6.10
N THR A 146 4.12 9.31 5.01
CA THR A 146 4.74 9.42 3.70
C THR A 146 4.23 10.66 2.93
N SER A 147 4.92 10.98 1.83
CA SER A 147 4.50 11.94 0.85
C SER A 147 4.97 11.38 -0.47
N ALA A 148 4.01 11.00 -1.31
CA ALA A 148 4.30 10.59 -2.66
C ALA A 148 4.87 11.79 -3.47
N LYS A 149 4.53 13.04 -3.10
CA LYS A 149 5.03 14.24 -3.77
C LYS A 149 6.54 14.45 -3.57
N THR A 150 7.03 14.40 -2.31
CA THR A 150 8.47 14.60 -2.00
C THR A 150 9.30 13.31 -1.92
N ARG A 151 8.64 12.14 -1.96
CA ARG A 151 9.24 10.81 -1.82
C ARG A 151 9.60 10.45 -0.36
N GLN A 152 9.28 11.34 0.60
CA GLN A 152 9.56 11.06 2.02
C GLN A 152 8.79 9.83 2.50
N GLY A 153 9.50 8.87 3.09
CA GLY A 153 8.93 7.64 3.66
C GLY A 153 8.45 6.58 2.68
N VAL A 154 8.52 6.84 1.36
CA VAL A 154 7.99 5.90 0.35
C VAL A 154 8.71 4.53 0.35
N GLU A 155 10.05 4.54 0.21
CA GLU A 155 10.85 3.33 0.21
C GLU A 155 10.69 2.60 1.56
N ASP A 156 10.74 3.36 2.65
CA ASP A 156 10.56 2.86 4.00
C ASP A 156 9.23 2.11 4.17
N ALA A 157 8.10 2.68 3.71
CA ALA A 157 6.81 2.01 3.82
C ALA A 157 6.77 0.63 3.08
N PHE A 158 7.19 0.57 1.80
CA PHE A 158 7.17 -0.68 1.06
C PHE A 158 8.20 -1.72 1.58
N TYR A 159 9.41 -1.27 1.98
CA TYR A 159 10.47 -2.16 2.47
C TYR A 159 10.12 -2.70 3.87
N THR A 160 9.49 -1.88 4.73
CA THR A 160 9.02 -2.33 6.05
C THR A 160 7.94 -3.40 5.85
N LEU A 161 7.07 -3.24 4.83
CA LEU A 161 6.06 -4.26 4.54
C LEU A 161 6.74 -5.58 4.10
N VAL A 162 7.80 -5.52 3.28
CA VAL A 162 8.54 -6.71 2.90
C VAL A 162 9.13 -7.43 4.13
N ARG A 163 9.73 -6.66 5.05
CA ARG A 163 10.28 -7.19 6.29
C ARG A 163 9.21 -7.83 7.17
N GLU A 164 8.00 -7.24 7.21
CA GLU A 164 6.89 -7.82 7.95
C GLU A 164 6.49 -9.16 7.35
N ILE A 165 6.52 -9.29 6.01
CA ILE A 165 6.22 -10.54 5.31
C ILE A 165 7.29 -11.59 5.58
N ARG A 166 8.56 -11.19 5.63
CA ARG A 166 9.69 -12.08 5.88
C ARG A 166 9.53 -12.77 7.23
N GLN A 167 9.13 -12.03 8.27
CA GLN A 167 8.89 -12.57 9.60
C GLN A 167 7.66 -13.45 9.62
N TYR A 168 6.59 -13.04 8.93
CA TYR A 168 5.37 -13.83 8.86
C TYR A 168 5.57 -15.21 8.20
N ARG A 169 6.48 -15.28 7.21
CA ARG A 169 6.76 -16.54 6.54
C ARG A 169 7.30 -17.60 7.52
N MET A 170 8.08 -17.18 8.51
CA MET A 170 8.68 -18.05 9.51
C MET A 170 7.72 -18.50 10.64
N PHE B 1 7.82 -3.21 -14.56
CA PHE B 1 6.71 -3.44 -15.51
C PHE B 1 5.35 -3.10 -14.93
N TYR B 2 4.41 -2.70 -15.83
CA TYR B 2 3.09 -2.29 -15.40
C TYR B 2 2.04 -2.87 -16.32
N ARG B 3 0.91 -3.28 -15.72
CA ARG B 3 -0.26 -3.79 -16.43
C ARG B 3 -1.50 -3.09 -15.87
N ARG B 4 -2.10 -2.20 -16.67
CA ARG B 4 -3.30 -1.48 -16.28
C ARG B 4 -4.44 -2.46 -16.39
N TYR B 5 -5.55 -2.20 -15.66
CA TYR B 5 -6.78 -3.01 -15.66
C TYR B 5 -7.25 -3.11 -17.11
N GLY B 6 -7.51 -4.31 -17.67
CA GLY B 6 -8.00 -4.41 -19.04
C GLY B 6 -6.89 -4.54 -20.08
N TRP B 7 -5.60 -4.38 -19.70
CA TRP B 7 -4.57 -4.51 -20.72
C TRP B 7 -4.25 -5.98 -20.92
N ARG B 8 -3.87 -6.37 -22.15
CA ARG B 8 -3.49 -7.75 -22.42
C ARG B 8 -2.05 -7.91 -22.00
N TYR B 9 -1.16 -6.94 -22.32
CA TYR B 9 0.25 -7.11 -21.98
C TYR B 9 0.85 -6.09 -21.03
N TRP B 10 2.04 -6.44 -20.52
CA TRP B 10 2.82 -5.61 -19.60
C TRP B 10 3.67 -4.65 -20.38
N VAL B 11 3.91 -3.43 -19.86
CA VAL B 11 4.76 -2.49 -20.58
C VAL B 11 5.86 -2.10 -19.60
N SER B 12 6.99 -1.56 -20.11
CA SER B 12 8.08 -1.15 -19.24
C SER B 12 7.80 0.19 -18.62
N VAL B 13 8.09 0.32 -17.30
CA VAL B 13 7.95 1.58 -16.58
C VAL B 13 9.24 1.85 -15.81
N GLY B 15 12.46 1.80 -17.27
CA GLY B 15 13.63 2.07 -18.11
C GLY B 15 14.07 3.52 -18.06
#